data_1EG4
#
_entry.id   1EG4
#
_cell.length_a   48.680
_cell.length_b   67.050
_cell.length_c   83.840
_cell.angle_alpha   90.00
_cell.angle_beta   90.00
_cell.angle_gamma   90.00
#
_symmetry.space_group_name_H-M   'P 21 21 21'
#
loop_
_entity.id
_entity.type
_entity.pdbx_description
1 polymer BETA-DYSTROGLYCAN
2 polymer DYSTROPHIN
3 water water
#
loop_
_entity_poly.entity_id
_entity_poly.type
_entity_poly.pdbx_seq_one_letter_code
_entity_poly.pdbx_strand_id
1 'polypeptide(L)' KNMTPYRSPPPYVPP P
2 'polypeptide(L)'
;GPASQHFLSTSVQGPWERAISPNKVPYYINHETQTTCWDHPKMTELYQSLADLNNVRFSAYRTAMKLRRLQKALCLDLLS
LSAACDALDQHNLKQNDQPMDILQIINCLTTIYDRLEQEHNNLVNVPLCVDMCLNWLLNVYDTGRTGRIRVLSFKTGIIS
LCKAHLEDKYRYLFKQVASSTGFCDQRRLGLLLHDSIQIPRQLGEVASFGGSNIEPSVRSCFQFANNKPEIEAALFLDWM
RLEPQSMVWLPVLHRVAAAET
;
A
#
# COMPACT_ATOMS: atom_id res chain seq x y z
N ASN A 2 -15.53 5.62 -8.92
CA ASN A 2 -16.85 5.64 -8.19
C ASN A 2 -17.88 4.85 -9.00
N MET A 3 -18.73 4.14 -8.27
CA MET A 3 -19.73 3.27 -8.88
C MET A 3 -18.97 2.20 -9.65
N THR A 4 -19.19 0.95 -9.26
CA THR A 4 -18.44 -0.16 -9.81
C THR A 4 -17.04 -0.07 -9.20
N PRO A 5 -17.01 0.11 -7.88
CA PRO A 5 -15.74 -0.01 -7.18
C PRO A 5 -15.45 -1.50 -7.11
N TYR A 6 -16.35 -2.45 -7.34
CA TYR A 6 -16.08 -3.88 -7.31
C TYR A 6 -16.67 -4.55 -8.54
N ARG A 7 -15.93 -5.42 -9.20
CA ARG A 7 -16.49 -6.09 -10.41
C ARG A 7 -15.87 -7.49 -10.41
N SER A 8 -16.49 -8.49 -10.97
CA SER A 8 -15.93 -9.83 -10.97
C SER A 8 -14.93 -9.97 -12.11
N PRO A 9 -13.97 -10.88 -11.92
CA PRO A 9 -12.99 -11.18 -12.95
C PRO A 9 -13.70 -12.03 -14.03
N PRO A 10 -13.05 -12.32 -15.12
CA PRO A 10 -13.62 -13.13 -16.20
C PRO A 10 -14.01 -14.49 -15.66
N PRO A 11 -15.14 -15.05 -16.11
CA PRO A 11 -15.67 -16.30 -15.58
C PRO A 11 -14.79 -17.49 -15.87
N TYR A 12 -14.82 -18.57 -15.11
CA TYR A 12 -14.04 -19.75 -15.39
C TYR A 12 -14.41 -20.37 -16.76
N VAL A 13 -13.45 -20.75 -17.54
CA VAL A 13 -13.53 -21.44 -18.83
C VAL A 13 -12.50 -22.60 -18.84
N PRO A 14 -13.22 -23.80 -18.79
CA PRO A 14 -12.44 -25.06 -18.74
C PRO A 14 -11.10 -25.07 -19.45
N PRO B 2 0.49 -9.83 -22.91
CA PRO B 2 1.39 -8.76 -22.32
C PRO B 2 2.66 -9.46 -21.88
N ALA B 3 3.80 -9.00 -22.31
CA ALA B 3 5.08 -9.66 -22.03
C ALA B 3 5.30 -10.04 -20.58
N SER B 4 4.96 -9.21 -19.59
CA SER B 4 5.17 -9.57 -18.18
C SER B 4 4.57 -10.89 -17.73
N GLN B 5 3.55 -11.43 -18.43
CA GLN B 5 3.00 -12.74 -18.18
C GLN B 5 4.07 -13.81 -18.19
N HIS B 6 5.03 -13.82 -19.11
CA HIS B 6 6.05 -14.86 -19.07
C HIS B 6 6.69 -14.82 -17.67
N PHE B 7 7.11 -13.64 -17.28
CA PHE B 7 7.76 -13.44 -15.98
C PHE B 7 6.90 -13.80 -14.78
N LEU B 8 5.71 -13.26 -14.64
CA LEU B 8 4.93 -13.47 -13.43
C LEU B 8 4.10 -14.72 -13.41
N SER B 9 3.97 -15.47 -14.51
CA SER B 9 3.16 -16.69 -14.49
C SER B 9 3.66 -17.73 -13.51
N THR B 10 4.95 -17.73 -13.15
CA THR B 10 5.54 -18.62 -12.18
C THR B 10 5.25 -18.27 -10.72
N SER B 11 4.47 -17.26 -10.43
CA SER B 11 4.08 -16.85 -9.08
C SER B 11 3.03 -17.79 -8.51
N VAL B 12 2.49 -18.62 -9.40
CA VAL B 12 1.42 -19.56 -9.05
C VAL B 12 1.76 -20.90 -9.65
N GLN B 13 1.29 -21.95 -8.99
CA GLN B 13 1.50 -23.31 -9.45
C GLN B 13 0.29 -24.16 -9.10
N GLY B 14 0.55 -25.48 -9.13
CA GLY B 14 -0.44 -26.50 -8.72
C GLY B 14 -1.56 -26.31 -9.72
N PRO B 15 -2.77 -26.26 -9.24
CA PRO B 15 -3.95 -26.10 -10.08
C PRO B 15 -4.34 -24.67 -10.38
N TRP B 16 -3.48 -23.74 -9.92
CA TRP B 16 -3.74 -22.33 -10.20
C TRP B 16 -3.06 -21.93 -11.50
N GLU B 17 -3.65 -20.91 -12.12
CA GLU B 17 -3.05 -20.40 -13.35
C GLU B 17 -3.26 -18.88 -13.39
N ARG B 18 -2.20 -18.16 -13.69
CA ARG B 18 -2.35 -16.68 -13.73
C ARG B 18 -2.79 -16.30 -15.16
N ALA B 19 -3.71 -15.42 -15.29
CA ALA B 19 -4.28 -15.01 -16.57
C ALA B 19 -4.46 -13.51 -16.56
N ILE B 20 -4.67 -12.93 -17.75
CA ILE B 20 -4.82 -11.50 -17.91
C ILE B 20 -6.18 -11.16 -18.54
N SER B 21 -6.91 -10.27 -17.95
CA SER B 21 -8.20 -9.90 -18.54
C SER B 21 -7.86 -8.98 -19.71
N PRO B 22 -8.70 -8.88 -20.71
CA PRO B 22 -8.44 -8.03 -21.88
C PRO B 22 -8.20 -6.56 -21.62
N ASN B 23 -8.41 -6.06 -20.44
CA ASN B 23 -8.20 -4.77 -19.84
C ASN B 23 -6.81 -4.64 -19.21
N LYS B 24 -5.96 -5.67 -19.27
CA LYS B 24 -4.63 -5.77 -18.74
C LYS B 24 -4.53 -6.10 -17.25
N VAL B 25 -5.61 -6.53 -16.62
CA VAL B 25 -5.59 -6.80 -15.18
C VAL B 25 -5.43 -8.29 -14.95
N PRO B 26 -4.48 -8.64 -14.08
CA PRO B 26 -4.22 -10.02 -13.69
C PRO B 26 -5.34 -10.56 -12.88
N TYR B 27 -5.58 -11.88 -13.04
CA TYR B 27 -6.59 -12.59 -12.25
C TYR B 27 -6.15 -14.04 -12.22
N TYR B 28 -6.73 -14.81 -11.30
CA TYR B 28 -6.20 -16.15 -11.04
C TYR B 28 -7.29 -17.21 -11.22
N ILE B 29 -6.86 -18.24 -11.94
CA ILE B 29 -7.80 -19.34 -12.25
C ILE B 29 -7.41 -20.54 -11.40
N ASN B 30 -8.37 -21.19 -10.80
CA ASN B 30 -8.16 -22.40 -10.05
C ASN B 30 -8.93 -23.51 -10.81
N HIS B 31 -8.21 -24.34 -11.52
CA HIS B 31 -8.79 -25.42 -12.32
C HIS B 31 -9.39 -26.53 -11.47
N GLU B 32 -8.96 -26.69 -10.22
CA GLU B 32 -9.50 -27.69 -9.33
C GLU B 32 -10.90 -27.31 -8.91
N THR B 33 -11.11 -26.08 -8.46
CA THR B 33 -12.41 -25.64 -7.98
C THR B 33 -13.21 -24.95 -9.08
N GLN B 34 -12.63 -24.74 -10.24
CA GLN B 34 -13.24 -24.10 -11.39
C GLN B 34 -13.76 -22.73 -11.09
N THR B 35 -12.88 -21.88 -10.52
CA THR B 35 -13.29 -20.53 -10.15
C THR B 35 -12.19 -19.59 -10.64
N THR B 36 -12.47 -18.31 -10.52
CA THR B 36 -11.57 -17.23 -10.91
C THR B 36 -11.60 -16.21 -9.78
N CYS B 37 -10.52 -15.49 -9.53
CA CYS B 37 -10.49 -14.53 -8.41
C CYS B 37 -9.49 -13.45 -8.80
N TRP B 38 -9.68 -12.21 -8.37
CA TRP B 38 -8.66 -11.17 -8.64
C TRP B 38 -7.43 -11.39 -7.74
N ASP B 39 -7.69 -11.92 -6.53
CA ASP B 39 -6.55 -12.09 -5.60
C ASP B 39 -5.68 -13.29 -5.84
N HIS B 40 -4.38 -13.10 -5.69
CA HIS B 40 -3.36 -14.15 -5.77
C HIS B 40 -3.67 -15.10 -4.62
N PRO B 41 -3.65 -16.41 -4.84
CA PRO B 41 -3.97 -17.38 -3.81
C PRO B 41 -3.17 -17.20 -2.51
N LYS B 42 -1.93 -16.78 -2.63
CA LYS B 42 -1.12 -16.54 -1.42
C LYS B 42 -1.50 -15.28 -0.66
N MET B 43 -2.11 -14.31 -1.35
CA MET B 43 -2.66 -13.11 -0.76
C MET B 43 -3.92 -13.53 -0.06
N THR B 44 -4.74 -14.42 -0.68
CA THR B 44 -5.97 -14.87 -0.04
C THR B 44 -5.59 -15.60 1.24
N GLU B 45 -4.62 -16.47 1.21
CA GLU B 45 -4.18 -17.27 2.36
C GLU B 45 -3.66 -16.35 3.49
N LEU B 46 -2.93 -15.30 3.12
CA LEU B 46 -2.45 -14.34 4.15
C LEU B 46 -3.63 -13.67 4.79
N TYR B 47 -4.64 -13.22 4.02
CA TYR B 47 -5.80 -12.55 4.55
C TYR B 47 -6.71 -13.38 5.46
N GLN B 48 -6.92 -14.63 5.12
CA GLN B 48 -7.66 -15.58 5.93
C GLN B 48 -7.00 -15.72 7.30
N SER B 49 -5.67 -15.83 7.29
CA SER B 49 -4.88 -15.91 8.47
C SER B 49 -5.00 -14.70 9.38
N LEU B 50 -5.36 -13.50 8.91
CA LEU B 50 -5.44 -12.29 9.70
C LEU B 50 -6.55 -12.36 10.72
N ALA B 51 -7.46 -13.33 10.52
CA ALA B 51 -8.52 -13.59 11.47
C ALA B 51 -7.95 -14.13 12.73
N ASP B 52 -6.72 -14.68 12.74
CA ASP B 52 -6.16 -15.13 14.03
C ASP B 52 -5.73 -13.92 14.82
N LEU B 53 -5.78 -12.69 14.29
CA LEU B 53 -5.49 -11.48 15.05
C LEU B 53 -6.71 -10.76 15.55
N ASN B 54 -7.91 -11.34 15.27
CA ASN B 54 -9.15 -10.67 15.62
C ASN B 54 -9.47 -10.62 17.10
N ASN B 55 -8.76 -11.31 17.94
CA ASN B 55 -8.75 -11.34 19.37
C ASN B 55 -8.02 -10.13 19.94
N VAL B 56 -7.05 -9.60 19.17
CA VAL B 56 -6.26 -8.47 19.70
C VAL B 56 -7.20 -7.38 20.16
N ARG B 57 -7.06 -6.82 21.38
CA ARG B 57 -8.08 -5.92 21.85
C ARG B 57 -7.96 -4.49 21.35
N PHE B 58 -6.76 -3.94 21.29
CA PHE B 58 -6.66 -2.53 20.89
C PHE B 58 -6.64 -2.44 19.37
N SER B 59 -7.58 -1.73 18.77
CA SER B 59 -7.68 -1.69 17.31
C SER B 59 -6.43 -1.19 16.64
N ALA B 60 -5.72 -0.17 17.20
CA ALA B 60 -4.52 0.31 16.51
C ALA B 60 -3.47 -0.76 16.52
N TYR B 61 -3.43 -1.54 17.63
CA TYR B 61 -2.44 -2.60 17.68
C TYR B 61 -2.82 -3.82 16.80
N ARG B 62 -4.11 -4.12 16.83
CA ARG B 62 -4.57 -5.23 15.96
C ARG B 62 -4.21 -4.85 14.52
N THR B 63 -4.59 -3.62 14.12
CA THR B 63 -4.30 -3.25 12.69
C THR B 63 -2.83 -3.28 12.41
N ALA B 64 -2.02 -2.70 13.36
CA ALA B 64 -0.56 -2.77 13.10
C ALA B 64 -0.03 -4.16 12.96
N MET B 65 -0.50 -5.13 13.77
CA MET B 65 0.01 -6.47 13.67
C MET B 65 -0.40 -7.13 12.32
N LYS B 66 -1.64 -6.84 11.91
CA LYS B 66 -2.01 -7.39 10.56
C LYS B 66 -1.09 -6.77 9.52
N LEU B 67 -0.87 -5.45 9.57
CA LEU B 67 0.01 -4.80 8.58
C LEU B 67 1.44 -5.25 8.69
N ARG B 68 1.87 -5.63 9.94
CA ARG B 68 3.23 -6.12 10.06
C ARG B 68 3.40 -7.47 9.36
N ARG B 69 2.36 -8.26 9.51
CA ARG B 69 2.41 -9.59 8.85
C ARG B 69 2.41 -9.43 7.33
N LEU B 70 1.64 -8.48 6.82
CA LEU B 70 1.59 -8.18 5.37
C LEU B 70 2.90 -7.61 4.89
N GLN B 71 3.47 -6.64 5.64
CA GLN B 71 4.78 -6.09 5.37
C GLN B 71 5.85 -7.13 5.19
N LYS B 72 5.90 -8.10 6.08
CA LYS B 72 6.88 -9.18 6.01
C LYS B 72 6.58 -10.14 4.85
N ALA B 73 5.31 -10.41 4.62
CA ALA B 73 4.97 -11.29 3.47
C ALA B 73 5.38 -10.58 2.20
N LEU B 74 5.34 -9.26 2.09
CA LEU B 74 5.77 -8.53 0.91
C LEU B 74 7.25 -8.20 0.88
N CYS B 75 7.98 -8.51 1.95
CA CYS B 75 9.40 -8.20 2.09
C CYS B 75 9.68 -6.71 2.11
N LEU B 76 8.69 -5.88 2.47
CA LEU B 76 8.83 -4.44 2.52
C LEU B 76 9.52 -4.02 3.81
N ASP B 77 9.69 -4.93 4.78
CA ASP B 77 10.50 -4.61 5.97
C ASP B 77 11.98 -4.63 5.60
N LEU B 78 12.38 -5.08 4.41
CA LEU B 78 13.75 -5.04 3.96
C LEU B 78 14.09 -3.79 3.17
N LEU B 79 13.09 -2.97 2.92
CA LEU B 79 13.23 -1.82 2.01
C LEU B 79 13.47 -0.46 2.65
N SER B 80 14.64 0.11 2.48
CA SER B 80 14.96 1.39 3.11
C SER B 80 14.29 2.52 2.37
N LEU B 81 14.14 3.68 2.97
CA LEU B 81 13.59 4.81 2.24
C LEU B 81 14.50 5.18 1.06
N SER B 82 15.81 5.09 1.26
CA SER B 82 16.76 5.40 0.22
C SER B 82 16.58 4.53 -1.02
N ALA B 83 16.51 3.23 -0.83
CA ALA B 83 16.32 2.35 -1.98
C ALA B 83 14.95 2.57 -2.61
N ALA B 84 13.87 2.76 -1.84
CA ALA B 84 12.55 3.02 -2.46
C ALA B 84 12.62 4.26 -3.35
N CYS B 85 13.27 5.33 -2.85
CA CYS B 85 13.43 6.54 -3.63
C CYS B 85 14.25 6.31 -4.88
N ASP B 86 15.31 5.46 -4.82
CA ASP B 86 16.10 5.17 -6.01
C ASP B 86 15.19 4.52 -7.10
N ALA B 87 14.38 3.56 -6.71
CA ALA B 87 13.45 2.95 -7.68
C ALA B 87 12.44 3.98 -8.17
N LEU B 88 11.86 4.87 -7.34
CA LEU B 88 10.90 5.84 -7.80
C LEU B 88 11.54 6.80 -8.80
N ASP B 89 12.75 7.22 -8.46
CA ASP B 89 13.52 8.09 -9.34
C ASP B 89 13.80 7.51 -10.72
N GLN B 90 14.35 6.30 -10.72
CA GLN B 90 14.69 5.60 -11.95
C GLN B 90 13.48 5.36 -12.84
N HIS B 91 12.29 5.23 -12.29
CA HIS B 91 11.08 5.02 -13.06
C HIS B 91 10.37 6.33 -13.33
N ASN B 92 10.97 7.47 -13.06
CA ASN B 92 10.40 8.78 -13.31
C ASN B 92 9.03 8.98 -12.69
N LEU B 93 8.86 8.55 -11.42
CA LEU B 93 7.56 8.66 -10.77
C LEU B 93 7.57 9.91 -9.91
N LYS B 94 7.32 11.05 -10.59
CA LYS B 94 7.41 12.29 -9.82
C LYS B 94 6.22 13.20 -10.01
N GLN B 95 5.30 12.92 -10.89
CA GLN B 95 4.10 13.77 -10.96
C GLN B 95 3.10 12.97 -10.14
N ASN B 96 2.90 13.43 -8.91
CA ASN B 96 2.08 12.63 -8.01
C ASN B 96 0.61 12.55 -8.31
N ASP B 97 0.08 13.55 -9.07
CA ASP B 97 -1.32 13.56 -9.43
C ASP B 97 -1.60 12.67 -10.64
N GLN B 98 -0.58 12.14 -11.26
CA GLN B 98 -0.69 11.33 -12.46
C GLN B 98 -0.83 9.83 -12.25
N PRO B 99 -1.52 9.17 -13.18
CA PRO B 99 -1.73 7.74 -13.11
C PRO B 99 -0.58 6.88 -13.55
N MET B 100 -0.45 5.69 -12.97
CA MET B 100 0.52 4.71 -13.39
C MET B 100 -0.31 3.45 -13.67
N ASP B 101 -0.03 2.77 -14.76
CA ASP B 101 -0.88 1.60 -15.10
C ASP B 101 -0.22 0.37 -14.50
N ILE B 102 -0.73 -0.81 -14.76
CA ILE B 102 -0.24 -2.05 -14.15
C ILE B 102 1.19 -2.35 -14.54
N LEU B 103 1.54 -2.10 -15.81
CA LEU B 103 2.94 -2.33 -16.18
C LEU B 103 3.89 -1.36 -15.45
N GLN B 104 3.55 -0.08 -15.29
CA GLN B 104 4.52 0.76 -14.54
C GLN B 104 4.66 0.30 -13.08
N ILE B 105 3.56 -0.12 -12.48
CA ILE B 105 3.64 -0.67 -11.10
C ILE B 105 4.55 -1.89 -11.12
N ILE B 106 4.26 -2.88 -11.98
CA ILE B 106 5.12 -4.05 -12.12
C ILE B 106 6.57 -3.68 -12.38
N ASN B 107 6.90 -2.73 -13.25
CA ASN B 107 8.31 -2.42 -13.53
C ASN B 107 9.08 -1.87 -12.28
N CYS B 108 8.40 -0.97 -11.65
CA CYS B 108 9.02 -0.31 -10.43
C CYS B 108 9.19 -1.35 -9.32
N LEU B 109 8.18 -2.19 -9.11
CA LEU B 109 8.27 -3.28 -8.12
C LEU B 109 9.34 -4.30 -8.49
N THR B 110 9.51 -4.59 -9.80
CA THR B 110 10.60 -5.50 -10.19
C THR B 110 11.99 -4.94 -9.90
N THR B 111 12.20 -3.64 -10.07
CA THR B 111 13.49 -2.98 -9.75
C THR B 111 13.65 -3.11 -8.22
N ILE B 112 12.60 -2.83 -7.45
CA ILE B 112 12.73 -2.93 -5.97
C ILE B 112 13.10 -4.34 -5.54
N TYR B 113 12.34 -5.31 -6.05
CA TYR B 113 12.53 -6.67 -5.60
C TYR B 113 13.77 -7.32 -6.19
N ASP B 114 14.18 -7.00 -7.40
CA ASP B 114 15.47 -7.52 -7.86
C ASP B 114 16.61 -7.12 -6.90
N ARG B 115 16.67 -5.84 -6.58
CA ARG B 115 17.69 -5.32 -5.65
C ARG B 115 17.63 -5.96 -4.28
N LEU B 116 16.42 -6.10 -3.70
CA LEU B 116 16.31 -6.82 -2.43
C LEU B 116 16.83 -8.22 -2.54
N GLU B 117 16.44 -8.91 -3.63
CA GLU B 117 16.92 -10.25 -3.85
C GLU B 117 18.45 -10.36 -3.94
N GLN B 118 19.11 -9.37 -4.57
CA GLN B 118 20.56 -9.53 -4.60
C GLN B 118 21.24 -9.15 -3.29
N GLU B 119 20.52 -8.49 -2.39
CA GLU B 119 21.00 -8.15 -1.06
C GLU B 119 20.63 -9.17 0.00
N HIS B 120 19.73 -10.12 -0.17
CA HIS B 120 19.25 -11.07 0.83
C HIS B 120 19.11 -12.51 0.29
N ASN B 121 19.57 -13.48 1.08
CA ASN B 121 19.66 -14.88 0.71
C ASN B 121 18.46 -15.78 0.72
N ASN B 122 17.74 -15.79 -0.40
CA ASN B 122 16.57 -16.64 -0.57
C ASN B 122 15.33 -16.15 0.16
N LEU B 123 15.44 -14.96 0.77
CA LEU B 123 14.29 -14.34 1.37
C LEU B 123 13.36 -13.84 0.27
N VAL B 124 13.89 -13.43 -0.88
CA VAL B 124 13.03 -12.79 -1.89
C VAL B 124 12.83 -13.58 -3.16
N ASN B 125 11.61 -14.10 -3.36
CA ASN B 125 11.21 -14.73 -4.61
C ASN B 125 10.62 -13.60 -5.46
N VAL B 126 11.37 -13.08 -6.45
CA VAL B 126 10.95 -11.87 -7.13
C VAL B 126 9.58 -11.92 -7.75
N PRO B 127 9.31 -12.84 -8.66
CA PRO B 127 8.00 -12.95 -9.31
C PRO B 127 6.91 -12.97 -8.28
N LEU B 128 6.98 -13.78 -7.24
CA LEU B 128 6.00 -13.85 -6.19
C LEU B 128 5.78 -12.55 -5.41
N CYS B 129 6.91 -11.88 -5.07
CA CYS B 129 6.80 -10.62 -4.35
C CYS B 129 6.09 -9.55 -5.20
N VAL B 130 6.58 -9.42 -6.47
CA VAL B 130 6.01 -8.43 -7.41
C VAL B 130 4.52 -8.64 -7.52
N ASP B 131 4.10 -9.90 -7.80
CA ASP B 131 2.69 -10.17 -8.02
C ASP B 131 1.87 -9.92 -6.76
N MET B 132 2.40 -10.39 -5.62
CA MET B 132 1.64 -10.18 -4.37
C MET B 132 1.63 -8.68 -4.06
N CYS B 133 2.67 -7.91 -4.12
CA CYS B 133 2.63 -6.48 -3.83
C CYS B 133 1.76 -5.72 -4.83
N LEU B 134 1.78 -6.13 -6.11
CA LEU B 134 0.84 -5.55 -7.08
C LEU B 134 -0.60 -5.79 -6.65
N ASN B 135 -0.91 -7.01 -6.19
CA ASN B 135 -2.24 -7.39 -5.72
C ASN B 135 -2.63 -6.53 -4.54
N TRP B 136 -1.76 -6.38 -3.52
CA TRP B 136 -2.08 -5.52 -2.37
C TRP B 136 -2.36 -4.10 -2.83
N LEU B 137 -1.49 -3.50 -3.64
CA LEU B 137 -1.64 -2.13 -4.11
C LEU B 137 -2.92 -1.93 -4.93
N LEU B 138 -3.31 -2.96 -5.73
CA LEU B 138 -4.60 -2.74 -6.47
C LEU B 138 -5.78 -2.92 -5.55
N ASN B 139 -5.66 -3.78 -4.56
CA ASN B 139 -6.78 -3.94 -3.62
C ASN B 139 -6.94 -2.67 -2.82
N VAL B 140 -5.82 -2.00 -2.53
CA VAL B 140 -5.98 -0.79 -1.72
C VAL B 140 -6.50 0.38 -2.54
N TYR B 141 -5.96 0.52 -3.71
CA TYR B 141 -6.13 1.71 -4.54
C TYR B 141 -6.85 1.53 -5.87
N ASP B 142 -7.13 0.31 -6.29
CA ASP B 142 -7.87 0.11 -7.55
C ASP B 142 -8.90 -0.97 -7.33
N THR B 143 -9.77 -0.80 -6.36
CA THR B 143 -10.72 -1.85 -6.03
C THR B 143 -11.52 -2.30 -7.25
N GLY B 144 -12.00 -1.41 -8.09
CA GLY B 144 -12.78 -1.80 -9.27
C GLY B 144 -11.95 -2.23 -10.45
N ARG B 145 -10.66 -2.45 -10.26
CA ARG B 145 -9.74 -2.87 -11.29
C ARG B 145 -9.89 -2.13 -12.63
N THR B 146 -9.68 -0.81 -12.55
CA THR B 146 -9.53 0.05 -13.70
C THR B 146 -8.15 -0.13 -14.31
N GLY B 147 -7.17 -0.72 -13.56
CA GLY B 147 -5.86 -0.91 -14.13
C GLY B 147 -4.93 0.26 -13.96
N ARG B 148 -5.34 1.27 -13.18
CA ARG B 148 -4.42 2.38 -12.88
C ARG B 148 -4.65 2.86 -11.44
N ILE B 149 -3.59 3.46 -10.90
CA ILE B 149 -3.58 4.08 -9.57
C ILE B 149 -2.73 5.36 -9.71
N ARG B 150 -2.96 6.34 -8.84
CA ARG B 150 -2.15 7.56 -8.84
C ARG B 150 -0.74 7.30 -8.33
N VAL B 151 0.24 8.06 -8.80
CA VAL B 151 1.63 7.89 -8.33
C VAL B 151 1.69 8.15 -6.80
N LEU B 152 0.93 9.14 -6.33
CA LEU B 152 0.93 9.44 -4.90
C LEU B 152 0.46 8.25 -4.08
N SER B 153 -0.50 7.51 -4.58
CA SER B 153 -1.00 6.30 -3.92
C SER B 153 0.09 5.24 -3.85
N PHE B 154 0.75 4.99 -4.98
CA PHE B 154 1.80 3.99 -4.99
C PHE B 154 2.91 4.35 -3.98
N LYS B 155 3.33 5.61 -3.93
CA LYS B 155 4.34 6.07 -2.97
C LYS B 155 3.81 5.95 -1.54
N THR B 156 2.52 6.19 -1.31
CA THR B 156 1.97 6.13 0.05
C THR B 156 2.05 4.70 0.54
N GLY B 157 1.66 3.75 -0.35
CA GLY B 157 1.70 2.37 0.08
C GLY B 157 3.08 1.85 0.39
N ILE B 158 4.03 2.09 -0.51
CA ILE B 158 5.34 1.51 -0.42
C ILE B 158 6.11 2.16 0.75
N ILE B 159 5.99 3.46 0.85
CA ILE B 159 6.75 4.18 1.92
C ILE B 159 6.14 3.88 3.25
N SER B 160 4.81 3.82 3.33
CA SER B 160 4.18 3.55 4.63
C SER B 160 4.66 2.16 5.12
N LEU B 161 4.85 1.17 4.21
CA LEU B 161 5.26 -0.13 4.70
C LEU B 161 6.75 -0.43 4.61
N CYS B 162 7.60 0.53 4.33
CA CYS B 162 9.03 0.25 4.18
C CYS B 162 9.70 0.27 5.58
N LYS B 163 11.02 0.04 5.60
CA LYS B 163 11.62 -0.09 6.95
C LYS B 163 12.19 1.21 7.48
N ALA B 164 11.99 2.34 6.81
CA ALA B 164 12.53 3.61 7.29
C ALA B 164 12.02 3.99 8.66
N HIS B 165 12.84 4.87 9.31
CA HIS B 165 12.32 5.40 10.59
C HIS B 165 11.01 6.14 10.36
N LEU B 166 10.14 6.15 11.32
CA LEU B 166 8.85 6.81 11.26
C LEU B 166 8.92 8.26 10.84
N GLU B 167 9.79 9.08 11.39
CA GLU B 167 9.82 10.50 11.05
C GLU B 167 10.26 10.72 9.59
N ASP B 168 11.12 9.86 9.05
CA ASP B 168 11.56 9.90 7.66
C ASP B 168 10.40 9.61 6.72
N LYS B 169 9.55 8.62 7.09
CA LYS B 169 8.33 8.37 6.36
C LYS B 169 7.40 9.59 6.38
N TYR B 170 7.15 10.17 7.56
CA TYR B 170 6.31 11.33 7.66
C TYR B 170 6.88 12.47 6.80
N ARG B 171 8.22 12.70 6.92
CA ARG B 171 8.77 13.81 6.13
C ARG B 171 8.60 13.58 4.63
N TYR B 172 8.93 12.34 4.27
CA TYR B 172 8.80 12.01 2.83
C TYR B 172 7.37 12.21 2.34
N LEU B 173 6.41 11.62 3.05
CA LEU B 173 5.02 11.68 2.63
C LEU B 173 4.51 13.10 2.57
N PHE B 174 4.87 13.93 3.58
CA PHE B 174 4.40 15.31 3.56
C PHE B 174 4.96 16.06 2.35
N LYS B 175 6.24 15.81 2.07
CA LYS B 175 6.89 16.44 0.94
C LYS B 175 6.12 16.07 -0.37
N GLN B 176 5.57 14.87 -0.49
CA GLN B 176 4.88 14.51 -1.73
C GLN B 176 3.63 15.33 -1.97
N VAL B 177 2.98 15.86 -0.94
CA VAL B 177 1.79 16.65 -1.13
C VAL B 177 2.01 18.13 -0.98
N ALA B 178 3.05 18.52 -0.26
CA ALA B 178 3.27 19.97 -0.04
C ALA B 178 3.71 20.62 -1.37
N SER B 179 3.57 21.93 -1.45
CA SER B 179 4.01 22.68 -2.61
C SER B 179 5.52 22.60 -2.71
N SER B 180 6.13 23.14 -3.77
CA SER B 180 7.57 23.13 -3.93
C SER B 180 8.28 23.96 -2.88
N THR B 181 7.63 24.86 -2.16
CA THR B 181 8.26 25.60 -1.08
C THR B 181 8.03 24.98 0.29
N GLY B 182 7.45 23.78 0.38
CA GLY B 182 7.31 23.10 1.68
C GLY B 182 6.01 23.41 2.39
N PHE B 183 5.03 23.96 1.68
CA PHE B 183 3.78 24.35 2.30
C PHE B 183 2.62 23.44 1.97
N CYS B 184 1.87 23.10 3.02
CA CYS B 184 0.67 22.30 2.90
C CYS B 184 -0.57 23.04 3.31
N ASP B 185 -1.62 23.15 2.47
CA ASP B 185 -2.88 23.70 2.81
C ASP B 185 -3.85 22.54 3.07
N GLN B 186 -5.08 22.77 3.40
CA GLN B 186 -6.01 21.69 3.71
C GLN B 186 -6.21 20.67 2.60
N ARG B 187 -6.29 21.16 1.34
CA ARG B 187 -6.56 20.28 0.22
C ARG B 187 -5.43 19.27 0.13
N ARG B 188 -4.19 19.80 0.09
CA ARG B 188 -2.99 18.98 0.01
C ARG B 188 -2.88 17.99 1.17
N LEU B 189 -3.18 18.46 2.40
CA LEU B 189 -3.09 17.46 3.49
C LEU B 189 -4.16 16.40 3.25
N GLY B 190 -5.37 16.78 2.82
CA GLY B 190 -6.42 15.81 2.54
C GLY B 190 -5.97 14.73 1.56
N LEU B 191 -5.17 15.08 0.56
CA LEU B 191 -4.54 14.19 -0.41
C LEU B 191 -3.75 13.08 0.28
N LEU B 192 -2.90 13.45 1.23
CA LEU B 192 -2.09 12.45 1.96
C LEU B 192 -2.95 11.58 2.85
N LEU B 193 -3.83 12.20 3.65
CA LEU B 193 -4.61 11.39 4.59
C LEU B 193 -5.56 10.47 3.80
N HIS B 194 -6.12 11.02 2.71
CA HIS B 194 -6.99 10.14 1.92
C HIS B 194 -6.21 8.93 1.42
N ASP B 195 -4.99 9.05 0.87
CA ASP B 195 -4.25 7.87 0.42
C ASP B 195 -3.84 6.96 1.59
N SER B 196 -3.46 7.58 2.67
CA SER B 196 -3.01 6.76 3.82
C SER B 196 -4.15 5.92 4.36
N ILE B 197 -5.34 6.45 4.56
CA ILE B 197 -6.48 5.77 5.15
C ILE B 197 -7.00 4.61 4.30
N GLN B 198 -6.58 4.55 3.03
CA GLN B 198 -6.99 3.36 2.27
C GLN B 198 -6.35 2.07 2.79
N ILE B 199 -5.17 2.20 3.39
CA ILE B 199 -4.40 1.06 3.93
C ILE B 199 -5.17 0.33 4.99
N PRO B 200 -5.60 0.94 6.09
CA PRO B 200 -6.39 0.21 7.09
C PRO B 200 -7.75 -0.06 6.52
N ARG B 201 -8.29 0.83 5.67
CA ARG B 201 -9.60 0.58 5.05
C ARG B 201 -9.58 -0.74 4.31
N GLN B 202 -8.57 -1.10 3.57
CA GLN B 202 -8.45 -2.35 2.85
C GLN B 202 -8.44 -3.56 3.79
N LEU B 203 -8.00 -3.45 5.03
CA LEU B 203 -8.05 -4.56 5.96
C LEU B 203 -9.40 -4.61 6.66
N GLY B 204 -10.38 -3.81 6.33
CA GLY B 204 -11.64 -3.77 7.00
C GLY B 204 -11.60 -3.19 8.42
N GLU B 205 -10.64 -2.28 8.70
CA GLU B 205 -10.56 -1.70 10.04
C GLU B 205 -10.77 -0.21 10.06
N VAL B 206 -11.29 0.38 8.96
CA VAL B 206 -11.36 1.84 8.92
C VAL B 206 -12.23 2.45 9.98
N ALA B 207 -13.27 1.75 10.52
CA ALA B 207 -14.10 2.29 11.55
C ALA B 207 -13.33 2.65 12.85
N SER B 208 -12.17 2.11 13.13
CA SER B 208 -11.40 2.50 14.32
C SER B 208 -10.46 3.65 14.02
N PHE B 209 -10.38 4.11 12.76
CA PHE B 209 -9.50 5.21 12.33
C PHE B 209 -10.28 6.45 11.83
N GLY B 210 -11.47 6.61 12.38
CA GLY B 210 -12.29 7.79 12.09
C GLY B 210 -13.20 7.59 10.84
N GLY B 211 -13.17 6.47 10.17
CA GLY B 211 -14.03 6.31 8.97
C GLY B 211 -13.24 6.69 7.74
N SER B 212 -13.89 6.36 6.58
CA SER B 212 -13.21 6.66 5.30
C SER B 212 -13.34 8.11 4.91
N ASN B 213 -14.01 9.03 5.58
CA ASN B 213 -13.95 10.43 5.16
C ASN B 213 -12.90 11.15 6.03
N ILE B 214 -11.77 11.52 5.45
CA ILE B 214 -10.72 12.14 6.30
C ILE B 214 -10.84 13.62 6.51
N GLU B 215 -11.94 14.25 6.03
CA GLU B 215 -12.06 15.68 6.21
C GLU B 215 -12.03 16.12 7.68
N PRO B 216 -12.71 15.47 8.59
CA PRO B 216 -12.67 15.81 10.00
C PRO B 216 -11.23 15.80 10.53
N SER B 217 -10.36 14.89 10.12
CA SER B 217 -8.94 14.85 10.53
C SER B 217 -8.14 16.00 9.97
N VAL B 218 -8.40 16.32 8.69
CA VAL B 218 -7.79 17.54 8.14
C VAL B 218 -8.18 18.75 9.00
N ARG B 219 -9.46 18.99 9.25
CA ARG B 219 -9.89 20.11 10.07
C ARG B 219 -9.19 20.06 11.46
N SER B 220 -9.14 18.88 12.05
CA SER B 220 -8.48 18.76 13.37
C SER B 220 -7.02 19.18 13.30
N CYS B 221 -6.28 18.74 12.27
CA CYS B 221 -4.91 19.20 12.09
C CYS B 221 -4.77 20.70 11.95
N PHE B 222 -5.63 21.30 11.10
CA PHE B 222 -5.58 22.75 10.97
C PHE B 222 -6.03 23.46 12.25
N GLN B 223 -7.03 22.98 12.98
CA GLN B 223 -7.40 23.65 14.24
C GLN B 223 -6.21 23.56 15.21
N PHE B 224 -5.51 22.44 15.22
CA PHE B 224 -4.30 22.24 16.05
C PHE B 224 -3.18 23.22 15.73
N ALA B 225 -3.08 23.60 14.45
CA ALA B 225 -2.18 24.59 13.88
C ALA B 225 -2.75 25.99 14.04
N ASN B 226 -3.79 26.16 14.84
CA ASN B 226 -4.40 27.43 15.13
C ASN B 226 -5.03 28.09 13.89
N ASN B 227 -5.57 27.29 12.99
CA ASN B 227 -6.28 27.82 11.84
C ASN B 227 -5.49 28.64 10.85
N LYS B 228 -4.21 28.47 10.74
CA LYS B 228 -3.32 29.10 9.80
C LYS B 228 -3.65 28.44 8.44
N PRO B 229 -3.52 29.17 7.34
CA PRO B 229 -3.86 28.68 6.00
C PRO B 229 -3.00 27.59 5.44
N GLU B 230 -1.75 27.54 5.88
CA GLU B 230 -0.83 26.52 5.49
C GLU B 230 0.06 26.03 6.63
N ILE B 231 0.54 24.80 6.53
CA ILE B 231 1.45 24.25 7.53
C ILE B 231 2.71 23.75 6.84
N GLU B 232 3.76 23.62 7.65
CA GLU B 232 5.04 23.09 7.23
C GLU B 232 5.35 21.76 7.90
N ALA B 233 6.38 21.07 7.43
CA ALA B 233 6.70 19.73 7.85
C ALA B 233 6.81 19.60 9.37
N ALA B 234 7.44 20.58 10.01
CA ALA B 234 7.58 20.49 11.48
C ALA B 234 6.25 20.40 12.20
N LEU B 235 5.29 21.26 11.82
CA LEU B 235 3.98 21.26 12.47
C LEU B 235 3.27 19.93 12.26
N PHE B 236 3.37 19.42 11.03
CA PHE B 236 2.79 18.10 10.70
C PHE B 236 3.43 17.01 11.55
N LEU B 237 4.78 17.08 11.74
CA LEU B 237 5.38 16.06 12.62
C LEU B 237 4.88 16.17 14.06
N ASP B 238 4.71 17.41 14.53
CA ASP B 238 4.22 17.64 15.90
C ASP B 238 2.79 17.12 16.00
N TRP B 239 1.91 17.43 15.03
CA TRP B 239 0.57 16.86 15.06
C TRP B 239 0.64 15.34 15.06
N MET B 240 1.49 14.71 14.23
CA MET B 240 1.57 13.25 14.24
C MET B 240 2.05 12.68 15.56
N ARG B 241 2.78 13.55 16.32
CA ARG B 241 3.24 13.05 17.64
C ARG B 241 2.00 12.82 18.49
N LEU B 242 0.85 13.46 18.23
CA LEU B 242 -0.36 13.10 18.96
C LEU B 242 -1.06 11.81 18.53
N GLU B 243 -0.58 11.18 17.49
CA GLU B 243 -1.13 9.94 16.97
C GLU B 243 -2.62 10.16 16.64
N PRO B 244 -2.80 11.06 15.68
CA PRO B 244 -4.18 11.31 15.25
C PRO B 244 -4.77 9.96 14.84
N GLN B 245 -6.08 9.84 15.16
CA GLN B 245 -6.83 8.62 14.88
C GLN B 245 -6.82 8.12 13.46
N SER B 246 -6.74 9.00 12.48
CA SER B 246 -6.73 8.53 11.08
C SER B 246 -5.43 7.88 10.71
N MET B 247 -4.34 8.14 11.45
CA MET B 247 -3.05 7.62 11.12
C MET B 247 -2.41 6.76 12.22
N VAL B 248 -3.04 6.54 13.36
CA VAL B 248 -2.37 5.89 14.52
C VAL B 248 -1.84 4.51 14.31
N TRP B 249 -2.39 3.76 13.33
CA TRP B 249 -1.87 2.47 12.93
C TRP B 249 -0.43 2.54 12.47
N LEU B 250 0.10 3.62 11.90
CA LEU B 250 1.48 3.69 11.48
C LEU B 250 2.50 3.70 12.63
N PRO B 251 2.43 4.65 13.55
CA PRO B 251 3.32 4.64 14.69
C PRO B 251 3.23 3.32 15.45
N VAL B 252 2.02 2.76 15.60
CA VAL B 252 1.83 1.48 16.28
C VAL B 252 2.49 0.34 15.56
N LEU B 253 2.44 0.39 14.19
CA LEU B 253 3.19 -0.59 13.42
C LEU B 253 4.68 -0.58 13.81
N HIS B 254 5.27 0.61 13.98
CA HIS B 254 6.68 0.73 14.33
C HIS B 254 6.90 0.15 15.72
N ARG B 255 5.97 0.41 16.64
CA ARG B 255 6.10 -0.22 17.97
C ARG B 255 5.96 -1.72 17.94
N VAL B 256 5.07 -2.25 17.10
CA VAL B 256 4.95 -3.68 16.95
C VAL B 256 6.30 -4.20 16.45
N ALA B 257 6.84 -3.60 15.39
CA ALA B 257 8.11 -4.12 14.85
C ALA B 257 9.24 -4.05 15.88
N ALA B 258 9.27 -2.96 16.63
CA ALA B 258 10.38 -2.82 17.62
C ALA B 258 10.26 -3.84 18.73
N ALA B 259 9.07 -4.33 19.03
CA ALA B 259 8.74 -5.24 20.10
C ALA B 259 9.14 -6.68 19.75
N GLU B 260 9.46 -6.86 18.50
CA GLU B 260 10.17 -7.81 17.77
C GLU B 260 9.46 -8.36 16.54
N THR B 261 8.34 -8.99 16.82
CA THR B 261 7.64 -9.80 15.81
C THR B 261 6.75 -8.96 14.93
#